data_8YQJ
#
_entry.id   8YQJ
#
_cell.length_a   57.299
_cell.length_b   68.751
_cell.length_c   124.387
_cell.angle_alpha   90.00
_cell.angle_beta   90.00
_cell.angle_gamma   90.00
#
_symmetry.space_group_name_H-M   'P 21 21 21'
#
loop_
_entity.id
_entity.type
_entity.pdbx_description
1 polymer Lipase
2 water water
#
_entity_poly.entity_id   1
_entity_poly.type   'polypeptide(L)'
_entity_poly.pdbx_seq_one_letter_code
;MISDPQVLGFIARTEAAYPPEANGASAADNRRFYDAMCAVFRGPRPPGLVVGDRRIGGVPCRVYGADSAVSVVYVHGGGF
VVGGLDSHDDVCAEIADATGLQVIAIDYRLAPEHRWPAQIQDVQAVWDALDRPAVIAGDSAGGMLSAALCLSRRGQRQPL
GQVLIYPGLGGDGSAPSYRENAGAPLLRTEDLATYHAALHGDGPVDPLALPLQVEDLAGVAPAFVVSADVDPLRDDARDY
VQRLRAAGVAAEWRNEPELPHGYLRARRESDRARRSFQAILSAIMRFAVRG
;
_entity_poly.pdbx_strand_id   A,B
#
# COMPACT_ATOMS: atom_id res chain seq x y z
N MET A 1 25.96 -5.01 6.08
CA MET A 1 25.38 -6.30 6.46
C MET A 1 23.98 -6.15 7.07
N ILE A 2 23.08 -7.06 6.75
CA ILE A 2 21.70 -6.94 7.23
C ILE A 2 21.67 -7.30 8.71
N SER A 3 20.99 -6.47 9.51
CA SER A 3 20.83 -6.76 10.92
C SER A 3 19.38 -6.81 11.39
N ASP A 4 18.43 -6.47 10.52
CA ASP A 4 17.01 -6.55 10.89
C ASP A 4 16.61 -8.01 11.07
N PRO A 5 16.18 -8.43 12.27
CA PRO A 5 15.90 -9.87 12.50
C PRO A 5 14.79 -10.41 11.64
N GLN A 6 13.79 -9.60 11.31
CA GLN A 6 12.74 -10.06 10.41
C GLN A 6 13.31 -10.40 9.05
N VAL A 7 14.22 -9.57 8.54
CA VAL A 7 14.79 -9.82 7.23
C VAL A 7 15.75 -11.00 7.29
N LEU A 8 16.53 -11.10 8.37
CA LEU A 8 17.38 -12.27 8.53
C LEU A 8 16.56 -13.56 8.59
N GLY A 9 15.37 -13.50 9.17
CA GLY A 9 14.53 -14.70 9.22
C GLY A 9 13.95 -15.03 7.86
N PHE A 10 13.62 -14.00 7.09
CA PHE A 10 13.18 -14.21 5.72
C PHE A 10 14.27 -14.86 4.87
N ILE A 11 15.50 -14.35 5.00
CA ILE A 11 16.63 -14.91 4.27
C ILE A 11 16.85 -16.36 4.66
N ALA A 12 16.81 -16.65 5.96
CA ALA A 12 17.00 -18.02 6.43
C ALA A 12 15.88 -18.93 5.93
N ARG A 13 14.64 -18.44 5.94
CA ARG A 13 13.55 -19.25 5.39
C ARG A 13 13.72 -19.47 3.88
N THR A 14 14.15 -18.43 3.15
CA THR A 14 14.34 -18.56 1.70
C THR A 14 15.41 -19.58 1.38
N GLU A 15 16.53 -19.51 2.09
CA GLU A 15 17.63 -20.44 1.85
C GLU A 15 17.21 -21.87 2.15
N ALA A 16 16.37 -22.05 3.19
CA ALA A 16 15.87 -23.39 3.53
C ALA A 16 14.84 -23.87 2.52
N ALA A 17 14.09 -22.93 1.94
CA ALA A 17 13.07 -23.21 0.93
C ALA A 17 13.69 -23.59 -0.41
N TYR A 18 15.00 -23.46 -0.53
CA TYR A 18 15.68 -23.54 -1.82
C TYR A 18 17.03 -24.19 -1.58
N PRO A 19 17.07 -25.52 -1.45
CA PRO A 19 18.35 -26.21 -1.33
C PRO A 19 19.19 -25.98 -2.56
N PRO A 20 20.44 -25.49 -2.41
CA PRO A 20 21.26 -25.14 -3.57
C PRO A 20 21.37 -26.26 -4.61
N GLU A 21 22.29 -27.21 -4.40
CA GLU A 21 22.59 -28.28 -5.37
C GLU A 21 22.31 -27.90 -6.82
N ALA A 22 23.25 -27.20 -7.43
CA ALA A 22 23.10 -26.93 -8.85
C ALA A 22 23.66 -28.11 -9.57
N ASN A 23 24.87 -27.98 -10.08
CA ASN A 23 25.55 -29.10 -10.75
C ASN A 23 24.75 -29.94 -11.72
N GLY A 24 24.47 -29.38 -12.89
CA GLY A 24 23.76 -30.12 -13.91
C GLY A 24 22.26 -30.02 -13.74
N ALA A 25 21.80 -29.23 -12.78
CA ALA A 25 20.38 -29.03 -12.63
C ALA A 25 19.94 -28.37 -13.92
N SER A 26 18.86 -28.86 -14.50
CA SER A 26 18.43 -28.30 -15.77
C SER A 26 17.64 -27.05 -15.51
N ALA A 27 17.58 -26.16 -16.49
CA ALA A 27 16.74 -24.96 -16.33
C ALA A 27 15.32 -25.36 -15.95
N ALA A 28 14.83 -26.49 -16.43
CA ALA A 28 13.50 -26.98 -16.04
C ALA A 28 13.44 -27.30 -14.56
N ASP A 29 14.52 -27.87 -14.01
CA ASP A 29 14.57 -28.12 -12.57
C ASP A 29 14.63 -26.81 -11.79
N ASN A 30 15.45 -25.86 -12.24
CA ASN A 30 15.51 -24.57 -11.57
C ASN A 30 14.15 -23.90 -11.54
N ARG A 31 13.34 -24.12 -12.57
CA ARG A 31 11.98 -23.60 -12.60
C ARG A 31 11.12 -24.24 -11.51
N ARG A 32 11.25 -25.56 -11.34
CA ARG A 32 10.53 -26.25 -10.27
C ARG A 32 10.97 -25.75 -8.91
N PHE A 33 12.28 -25.51 -8.74
CA PHE A 33 12.78 -25.07 -7.44
C PHE A 33 12.37 -23.64 -7.14
N TYR A 34 12.37 -22.77 -8.16
CA TYR A 34 11.94 -21.39 -7.97
C TYR A 34 10.48 -21.31 -7.60
N ASP A 35 9.63 -22.03 -8.34
CA ASP A 35 8.21 -22.05 -8.02
C ASP A 35 7.97 -22.57 -6.61
N ALA A 36 8.73 -23.58 -6.19
CA ALA A 36 8.54 -24.16 -4.87
C ALA A 36 9.00 -23.20 -3.78
N MET A 37 10.06 -22.44 -4.06
CA MET A 37 10.45 -21.44 -3.07
C MET A 37 9.39 -20.35 -3.00
N CYS A 38 8.91 -19.89 -4.16
CA CYS A 38 7.92 -18.81 -4.19
C CYS A 38 6.68 -19.19 -3.41
N ALA A 39 6.26 -20.46 -3.50
CA ALA A 39 5.04 -20.93 -2.86
C ALA A 39 5.12 -20.84 -1.34
N VAL A 40 6.30 -20.98 -0.78
CA VAL A 40 6.45 -20.81 0.66
C VAL A 40 5.96 -19.43 1.09
N PHE A 41 6.26 -18.40 0.30
CA PHE A 41 5.98 -17.02 0.67
C PHE A 41 4.73 -16.44 0.01
N ARG A 42 4.20 -17.13 -1.00
CA ARG A 42 3.06 -16.62 -1.76
C ARG A 42 1.84 -16.42 -0.87
N GLY A 43 1.32 -15.19 -0.86
CA GLY A 43 0.08 -14.88 -0.19
C GLY A 43 -1.12 -15.30 -1.01
N PRO A 44 -2.29 -15.24 -0.39
CA PRO A 44 -3.51 -15.66 -1.06
C PRO A 44 -4.08 -14.55 -1.94
N ARG A 45 -4.89 -14.95 -2.90
CA ARG A 45 -5.65 -14.02 -3.70
C ARG A 45 -6.74 -13.35 -2.86
N PRO A 46 -7.07 -12.10 -3.16
CA PRO A 46 -8.31 -11.55 -2.62
C PRO A 46 -9.49 -12.35 -3.13
N PRO A 47 -10.33 -12.86 -2.24
CA PRO A 47 -11.36 -13.83 -2.66
C PRO A 47 -12.39 -13.26 -3.63
N GLY A 48 -12.67 -11.97 -3.59
CA GLY A 48 -13.66 -11.48 -4.52
C GLY A 48 -13.12 -11.05 -5.86
N LEU A 49 -11.81 -11.12 -6.05
CA LEU A 49 -11.17 -10.57 -7.25
C LEU A 49 -11.37 -11.48 -8.44
N VAL A 50 -11.91 -10.94 -9.53
CA VAL A 50 -12.03 -11.69 -10.77
C VAL A 50 -10.67 -11.85 -11.40
N VAL A 51 -10.31 -13.09 -11.75
CA VAL A 51 -9.03 -13.44 -12.36
C VAL A 51 -9.26 -14.40 -13.50
N GLY A 52 -8.65 -14.12 -14.65
CA GLY A 52 -8.76 -15.01 -15.79
C GLY A 52 -7.44 -15.11 -16.54
N ASP A 53 -7.22 -16.29 -17.12
CA ASP A 53 -6.07 -16.51 -17.99
C ASP A 53 -6.47 -16.41 -19.45
N ARG A 54 -5.69 -15.64 -20.21
CA ARG A 54 -6.03 -15.48 -21.61
C ARG A 54 -4.76 -15.16 -22.38
N ARG A 55 -4.75 -15.59 -23.64
CA ARG A 55 -3.66 -15.21 -24.54
C ARG A 55 -3.91 -13.81 -25.09
N ILE A 56 -2.99 -12.91 -24.82
CA ILE A 56 -3.09 -11.53 -25.28
C ILE A 56 -1.87 -11.27 -26.13
N GLY A 57 -2.09 -10.82 -27.37
CA GLY A 57 -0.99 -10.72 -28.32
C GLY A 57 -0.28 -12.04 -28.56
N GLY A 58 -0.95 -13.17 -28.37
CA GLY A 58 -0.32 -14.46 -28.55
C GLY A 58 0.52 -14.94 -27.38
N VAL A 59 0.44 -14.26 -26.24
CA VAL A 59 1.29 -14.56 -25.09
C VAL A 59 0.36 -14.93 -23.93
N PRO A 60 0.61 -16.02 -23.21
CA PRO A 60 -0.25 -16.33 -22.06
C PRO A 60 -0.15 -15.22 -21.02
N CYS A 61 -1.31 -14.72 -20.61
CA CYS A 61 -1.38 -13.64 -19.65
C CYS A 61 -2.41 -13.98 -18.60
N ARG A 62 -2.34 -13.28 -17.47
CA ARG A 62 -3.37 -13.39 -16.44
C ARG A 62 -3.93 -12.01 -16.18
N VAL A 63 -5.25 -11.90 -16.13
CA VAL A 63 -5.92 -10.61 -16.00
C VAL A 63 -6.60 -10.56 -14.64
N TYR A 64 -6.22 -9.57 -13.82
CA TYR A 64 -6.74 -9.39 -12.47
C TYR A 64 -7.60 -8.13 -12.39
N GLY A 65 -8.83 -8.29 -11.92
CA GLY A 65 -9.75 -7.19 -11.70
C GLY A 65 -10.59 -6.88 -12.93
N ALA A 66 -11.62 -6.06 -12.69
CA ALA A 66 -12.50 -5.63 -13.77
C ALA A 66 -11.84 -4.56 -14.63
N ASP A 67 -12.33 -4.44 -15.86
CA ASP A 67 -11.85 -3.40 -16.78
C ASP A 67 -11.83 -2.04 -16.09
N SER A 68 -10.75 -1.30 -16.34
CA SER A 68 -10.56 0.01 -15.75
C SER A 68 -10.04 0.97 -16.81
N ALA A 69 -10.19 2.26 -16.55
CA ALA A 69 -9.73 3.27 -17.52
C ALA A 69 -8.21 3.26 -17.67
N VAL A 70 -7.50 2.92 -16.60
CA VAL A 70 -6.05 2.76 -16.61
C VAL A 70 -5.75 1.39 -16.06
N SER A 71 -4.81 0.69 -16.70
CA SER A 71 -4.45 -0.66 -16.32
C SER A 71 -3.01 -0.68 -15.81
N VAL A 72 -2.59 -1.84 -15.32
CA VAL A 72 -1.21 -2.06 -14.92
C VAL A 72 -0.72 -3.29 -15.67
N VAL A 73 0.40 -3.18 -16.38
CA VAL A 73 1.04 -4.34 -16.99
C VAL A 73 2.19 -4.73 -16.09
N TYR A 74 2.19 -5.98 -15.63
CA TYR A 74 3.22 -6.48 -14.72
C TYR A 74 4.07 -7.52 -15.43
N VAL A 75 5.40 -7.41 -15.27
CA VAL A 75 6.36 -8.30 -15.89
C VAL A 75 7.16 -8.97 -14.79
N HIS A 76 6.98 -10.27 -14.60
CA HIS A 76 7.63 -10.96 -13.51
C HIS A 76 9.13 -11.08 -13.75
N GLY A 77 9.87 -11.21 -12.66
CA GLY A 77 11.29 -11.48 -12.71
C GLY A 77 11.58 -12.96 -12.59
N GLY A 78 12.87 -13.27 -12.42
CA GLY A 78 13.34 -14.63 -12.43
C GLY A 78 14.55 -14.83 -13.33
N GLY A 79 15.31 -13.75 -13.53
CA GLY A 79 16.53 -13.85 -14.30
C GLY A 79 16.35 -14.27 -15.73
N PHE A 80 15.17 -14.01 -16.32
CA PHE A 80 14.77 -14.42 -17.66
C PHE A 80 14.67 -15.92 -17.82
N VAL A 81 14.90 -16.69 -16.74
CA VAL A 81 15.00 -18.14 -16.82
C VAL A 81 13.88 -18.84 -16.06
N VAL A 82 13.45 -18.27 -14.93
CA VAL A 82 12.38 -18.88 -14.14
C VAL A 82 11.25 -17.87 -13.95
N GLY A 83 10.23 -18.27 -13.20
CA GLY A 83 9.09 -17.41 -12.97
C GLY A 83 7.98 -17.63 -13.98
N GLY A 84 6.83 -17.03 -13.69
CA GLY A 84 5.69 -17.11 -14.57
C GLY A 84 4.50 -16.46 -13.92
N LEU A 85 3.30 -16.91 -14.30
CA LEU A 85 2.10 -16.29 -13.75
C LEU A 85 1.86 -16.74 -12.31
N ASP A 86 2.14 -18.02 -12.01
CA ASP A 86 1.84 -18.54 -10.68
C ASP A 86 2.85 -18.08 -9.63
N SER A 87 4.12 -17.89 -10.01
CA SER A 87 5.13 -17.45 -9.04
C SER A 87 4.87 -16.06 -8.48
N HIS A 88 4.31 -15.16 -9.28
CA HIS A 88 4.07 -13.78 -8.88
C HIS A 88 2.58 -13.47 -8.71
N ASP A 89 1.75 -14.50 -8.58
CA ASP A 89 0.31 -14.32 -8.60
C ASP A 89 -0.16 -13.34 -7.52
N ASP A 90 0.40 -13.44 -6.34
CA ASP A 90 -0.12 -12.67 -5.22
C ASP A 90 0.25 -11.20 -5.38
N VAL A 91 1.44 -10.93 -5.90
CA VAL A 91 1.89 -9.56 -6.11
C VAL A 91 0.94 -8.84 -7.06
N CYS A 92 0.61 -9.50 -8.18
CA CYS A 92 -0.26 -8.90 -9.19
C CYS A 92 -1.67 -8.75 -8.67
N ALA A 93 -2.18 -9.78 -7.99
CA ALA A 93 -3.51 -9.68 -7.42
C ALA A 93 -3.60 -8.56 -6.39
N GLU A 94 -2.55 -8.40 -5.57
CA GLU A 94 -2.58 -7.34 -4.58
C GLU A 94 -2.50 -5.96 -5.26
N ILE A 95 -1.83 -5.85 -6.41
CA ILE A 95 -1.83 -4.57 -7.11
C ILE A 95 -3.23 -4.21 -7.57
N ALA A 96 -3.90 -5.16 -8.22
CA ALA A 96 -5.26 -4.91 -8.68
C ALA A 96 -6.20 -4.61 -7.51
N ASP A 97 -6.09 -5.38 -6.43
CA ASP A 97 -6.95 -5.16 -5.28
C ASP A 97 -6.72 -3.79 -4.65
N ALA A 98 -5.46 -3.37 -4.55
CA ALA A 98 -5.19 -2.15 -3.81
C ALA A 98 -5.54 -0.92 -4.63
N THR A 99 -5.28 -0.96 -5.95
CA THR A 99 -5.44 0.21 -6.79
C THR A 99 -6.79 0.25 -7.49
N GLY A 100 -7.48 -0.87 -7.60
CA GLY A 100 -8.65 -0.96 -8.45
C GLY A 100 -8.34 -0.86 -9.92
N LEU A 101 -7.07 -0.98 -10.30
CA LEU A 101 -6.72 -1.01 -11.72
C LEU A 101 -6.62 -2.44 -12.19
N GLN A 102 -7.10 -2.68 -13.40
CA GLN A 102 -6.90 -4.01 -13.97
C GLN A 102 -5.42 -4.28 -14.16
N VAL A 103 -4.97 -5.47 -13.76
CA VAL A 103 -3.57 -5.85 -13.89
C VAL A 103 -3.46 -6.98 -14.90
N ILE A 104 -2.54 -6.83 -15.85
CA ILE A 104 -2.25 -7.86 -16.84
C ILE A 104 -0.83 -8.33 -16.64
N ALA A 105 -0.66 -9.58 -16.26
CA ALA A 105 0.66 -10.17 -16.08
C ALA A 105 1.01 -11.00 -17.30
N ILE A 106 2.29 -11.00 -17.65
CA ILE A 106 2.79 -11.61 -18.88
C ILE A 106 3.65 -12.83 -18.57
N ASP A 107 3.35 -13.95 -19.21
CA ASP A 107 4.18 -15.17 -19.16
C ASP A 107 5.03 -15.21 -20.44
N TYR A 108 6.11 -14.44 -20.45
CA TYR A 108 6.93 -14.40 -21.64
C TYR A 108 7.80 -15.65 -21.78
N ARG A 109 8.21 -15.92 -23.01
CA ARG A 109 9.10 -17.05 -23.28
C ARG A 109 10.38 -16.91 -22.48
N LEU A 110 10.88 -18.03 -21.95
CA LEU A 110 12.02 -18.00 -21.06
C LEU A 110 13.30 -18.43 -21.78
N ALA A 111 14.41 -17.91 -21.29
CA ALA A 111 15.72 -18.40 -21.64
C ALA A 111 16.03 -19.62 -20.78
N PRO A 112 17.00 -20.45 -21.19
CA PRO A 112 17.86 -20.33 -22.37
C PRO A 112 17.23 -20.87 -23.64
N GLU A 113 16.10 -21.56 -23.55
CA GLU A 113 15.51 -22.13 -24.76
C GLU A 113 15.11 -21.05 -25.75
N HIS A 114 14.70 -19.88 -25.26
CA HIS A 114 14.43 -18.73 -26.11
C HIS A 114 15.35 -17.61 -25.69
N ARG A 115 16.13 -17.12 -26.64
CA ARG A 115 17.09 -16.08 -26.33
C ARG A 115 16.50 -14.73 -26.74
N TRP A 116 17.11 -13.67 -26.21
CA TRP A 116 16.73 -12.33 -26.61
C TRP A 116 16.73 -12.24 -28.14
N PRO A 117 15.78 -11.52 -28.75
CA PRO A 117 14.76 -10.67 -28.12
C PRO A 117 13.42 -11.34 -27.82
N ALA A 118 13.37 -12.66 -27.65
CA ALA A 118 12.08 -13.32 -27.47
C ALA A 118 11.28 -12.67 -26.36
N GLN A 119 11.94 -12.34 -25.25
CA GLN A 119 11.24 -11.86 -24.06
C GLN A 119 10.63 -10.49 -24.28
N ILE A 120 11.38 -9.58 -24.90
CA ILE A 120 10.86 -8.24 -25.15
C ILE A 120 9.84 -8.28 -26.27
N GLN A 121 10.04 -9.15 -27.28
CA GLN A 121 9.00 -9.34 -28.28
C GLN A 121 7.68 -9.73 -27.64
N ASP A 122 7.74 -10.55 -26.57
CA ASP A 122 6.50 -10.99 -25.96
C ASP A 122 5.86 -9.87 -25.14
N VAL A 123 6.67 -9.11 -24.41
CA VAL A 123 6.13 -7.96 -23.68
C VAL A 123 5.56 -6.94 -24.64
N GLN A 124 6.30 -6.66 -25.73
CA GLN A 124 5.82 -5.73 -26.76
C GLN A 124 4.50 -6.20 -27.36
N ALA A 125 4.34 -7.52 -27.52
CA ALA A 125 3.13 -8.05 -28.14
C ALA A 125 1.92 -7.85 -27.24
N VAL A 126 2.10 -8.10 -25.94
CA VAL A 126 1.02 -7.82 -24.99
C VAL A 126 0.74 -6.34 -24.92
N TRP A 127 1.80 -5.53 -24.78
CA TRP A 127 1.63 -4.08 -24.68
C TRP A 127 0.86 -3.53 -25.87
N ASP A 128 1.25 -3.92 -27.08
CA ASP A 128 0.59 -3.40 -28.28
C ASP A 128 -0.85 -3.91 -28.37
N ALA A 129 -1.07 -5.18 -28.01
CA ALA A 129 -2.41 -5.75 -28.06
C ALA A 129 -3.35 -5.04 -27.09
N LEU A 130 -2.84 -4.67 -25.90
CA LEU A 130 -3.70 -4.05 -24.91
C LEU A 130 -4.16 -2.66 -25.34
N ASP A 131 -3.27 -1.90 -25.97
CA ASP A 131 -3.60 -0.63 -26.64
C ASP A 131 -4.38 0.32 -25.72
N ARG A 132 -3.84 0.54 -24.53
CA ARG A 132 -4.64 1.23 -23.52
C ARG A 132 -3.71 2.00 -22.59
N PRO A 133 -4.22 3.02 -21.90
CA PRO A 133 -3.43 3.68 -20.86
C PRO A 133 -3.06 2.69 -19.77
N ALA A 134 -1.77 2.61 -19.46
CA ALA A 134 -1.35 1.62 -18.48
C ALA A 134 -0.02 2.05 -17.88
N VAL A 135 0.15 1.73 -16.60
CA VAL A 135 1.47 1.72 -15.99
C VAL A 135 2.10 0.38 -16.28
N ILE A 136 3.41 0.35 -16.48
CA ILE A 136 4.13 -0.90 -16.62
C ILE A 136 5.01 -1.09 -15.39
N ALA A 137 5.05 -2.30 -14.88
CA ALA A 137 5.77 -2.58 -13.65
C ALA A 137 6.43 -3.94 -13.74
N GLY A 138 7.53 -4.11 -13.02
CA GLY A 138 8.22 -5.38 -13.06
C GLY A 138 9.32 -5.48 -12.05
N ASP A 139 9.61 -6.69 -11.59
CA ASP A 139 10.67 -6.93 -10.62
C ASP A 139 11.83 -7.62 -11.30
N SER A 140 13.03 -7.18 -10.98
CA SER A 140 14.26 -7.88 -11.36
C SER A 140 14.38 -7.90 -12.88
N ALA A 141 14.49 -9.09 -13.47
CA ALA A 141 14.50 -9.17 -14.92
C ALA A 141 13.23 -8.57 -15.52
N GLY A 142 12.10 -8.67 -14.82
CA GLY A 142 10.89 -7.99 -15.26
C GLY A 142 11.04 -6.49 -15.30
N GLY A 143 11.88 -5.94 -14.43
CA GLY A 143 12.16 -4.52 -14.47
C GLY A 143 12.96 -4.11 -15.70
N MET A 144 13.96 -4.90 -16.07
CA MET A 144 14.68 -4.64 -17.31
C MET A 144 13.74 -4.64 -18.51
N LEU A 145 12.89 -5.66 -18.58
CA LEU A 145 11.96 -5.77 -19.71
C LEU A 145 10.99 -4.59 -19.74
N SER A 146 10.51 -4.15 -18.57
CA SER A 146 9.63 -2.99 -18.51
C SER A 146 10.36 -1.73 -18.94
N ALA A 147 11.63 -1.60 -18.58
CA ALA A 147 12.38 -0.43 -19.02
C ALA A 147 12.66 -0.49 -20.50
N ALA A 148 12.95 -1.70 -21.02
CA ALA A 148 13.17 -1.86 -22.46
C ALA A 148 11.89 -1.65 -23.24
N LEU A 149 10.75 -2.06 -22.67
CA LEU A 149 9.50 -1.79 -23.34
C LEU A 149 9.35 -0.28 -23.54
N CYS A 150 9.58 0.49 -22.46
CA CYS A 150 9.43 1.94 -22.54
C CYS A 150 10.37 2.54 -23.58
N LEU A 151 11.63 2.10 -23.60
CA LEU A 151 12.57 2.63 -24.58
C LEU A 151 12.11 2.34 -26.00
N SER A 152 11.40 1.24 -26.20
CA SER A 152 10.98 0.88 -27.56
C SER A 152 9.63 1.46 -27.95
N ARG A 153 8.88 2.08 -27.03
CA ARG A 153 7.51 2.48 -27.34
C ARG A 153 7.27 3.96 -27.07
N ARG A 154 8.22 4.80 -27.41
CA ARG A 154 8.08 6.21 -27.02
C ARG A 154 7.10 7.06 -27.88
N GLY A 155 6.24 6.57 -28.75
CA GLY A 155 5.20 7.43 -29.31
C GLY A 155 4.03 7.60 -28.36
N GLN A 156 2.83 7.72 -28.93
CA GLN A 156 1.66 7.92 -28.08
C GLN A 156 1.25 6.66 -27.34
N ARG A 157 1.87 5.52 -27.62
CA ARG A 157 1.60 4.28 -26.89
C ARG A 157 2.58 4.08 -25.74
N GLN A 158 3.19 5.14 -25.26
CA GLN A 158 4.08 5.04 -24.12
C GLN A 158 3.29 4.72 -22.86
N PRO A 159 3.84 3.91 -21.96
CA PRO A 159 3.20 3.72 -20.65
C PRO A 159 3.07 5.03 -19.90
N LEU A 160 2.09 5.09 -19.00
CA LEU A 160 1.94 6.26 -18.14
C LEU A 160 3.05 6.35 -17.11
N GLY A 161 3.74 5.26 -16.85
CA GLY A 161 4.80 5.26 -15.87
C GLY A 161 5.44 3.89 -15.87
N GLN A 162 6.67 3.84 -15.37
CA GLN A 162 7.34 2.57 -15.24
C GLN A 162 7.78 2.42 -13.79
N VAL A 163 7.40 1.29 -13.20
CA VAL A 163 7.67 0.99 -11.80
C VAL A 163 8.61 -0.20 -11.78
N LEU A 164 9.88 0.04 -11.47
CA LEU A 164 10.95 -0.93 -11.61
C LEU A 164 11.40 -1.32 -10.22
N ILE A 165 11.27 -2.61 -9.89
CA ILE A 165 11.46 -3.14 -8.55
C ILE A 165 12.71 -4.02 -8.54
N TYR A 166 13.70 -3.62 -7.71
CA TYR A 166 15.08 -4.10 -7.74
C TYR A 166 15.45 -4.62 -9.14
N PRO A 167 15.45 -3.76 -10.15
CA PRO A 167 15.79 -4.20 -11.51
C PRO A 167 17.28 -4.42 -11.71
N GLY A 168 17.61 -5.32 -12.63
CA GLY A 168 18.89 -5.28 -13.32
C GLY A 168 18.64 -4.55 -14.63
N LEU A 169 19.49 -3.57 -14.92
CA LEU A 169 19.26 -2.71 -16.06
C LEU A 169 20.44 -2.67 -17.03
N GLY A 170 21.41 -3.57 -16.87
CA GLY A 170 22.52 -3.62 -17.78
C GLY A 170 23.68 -2.74 -17.41
N GLY A 171 23.87 -2.45 -16.13
CA GLY A 171 25.10 -1.80 -15.71
C GLY A 171 26.32 -2.67 -16.00
N ASP A 172 27.45 -2.01 -16.21
CA ASP A 172 28.65 -2.73 -16.59
C ASP A 172 29.25 -3.54 -15.44
N GLY A 173 28.70 -3.46 -14.23
CA GLY A 173 29.24 -4.19 -13.10
C GLY A 173 30.32 -3.48 -12.34
N SER A 174 30.62 -2.23 -12.69
CA SER A 174 31.67 -1.46 -12.05
C SER A 174 31.18 -0.58 -10.92
N ALA A 175 29.86 -0.42 -10.77
CA ALA A 175 29.34 0.40 -9.71
C ALA A 175 29.62 -0.23 -8.35
N PRO A 176 29.71 0.60 -7.29
CA PRO A 176 30.03 0.06 -5.95
C PRO A 176 29.20 -1.14 -5.51
N SER A 177 27.90 -1.14 -5.80
CA SER A 177 27.06 -2.21 -5.27
C SER A 177 27.51 -3.58 -5.72
N TYR A 178 28.16 -3.69 -6.89
CA TYR A 178 28.60 -4.99 -7.36
C TYR A 178 29.73 -5.55 -6.50
N ARG A 179 30.54 -4.69 -5.90
CA ARG A 179 31.55 -5.17 -4.97
C ARG A 179 31.01 -5.24 -3.54
N GLU A 180 30.35 -4.17 -3.10
CA GLU A 180 29.85 -4.06 -1.73
C GLU A 180 28.89 -5.18 -1.41
N ASN A 181 28.05 -5.54 -2.36
CA ASN A 181 27.03 -6.56 -2.14
C ASN A 181 27.35 -7.86 -2.88
N ALA A 182 28.62 -8.05 -3.25
CA ALA A 182 29.02 -9.27 -3.96
C ALA A 182 28.67 -10.53 -3.18
N GLY A 183 28.63 -10.45 -1.86
CA GLY A 183 28.33 -11.62 -1.06
C GLY A 183 26.98 -11.49 -0.38
N ALA A 184 26.10 -10.69 -0.97
CA ALA A 184 24.79 -10.42 -0.37
C ALA A 184 23.96 -11.70 -0.29
N PRO A 185 23.03 -11.75 0.67
CA PRO A 185 22.08 -12.87 0.67
C PRO A 185 21.18 -12.84 -0.56
N LEU A 186 20.81 -14.03 -1.02
CA LEU A 186 19.79 -14.24 -2.05
C LEU A 186 20.25 -13.89 -3.47
N LEU A 187 21.07 -12.86 -3.64
CA LEU A 187 21.63 -12.56 -4.95
C LEU A 187 23.06 -12.06 -4.80
N ARG A 188 23.99 -12.70 -5.51
CA ARG A 188 25.39 -12.31 -5.49
C ARG A 188 25.87 -11.95 -6.89
N THR A 189 26.86 -11.06 -6.98
CA THR A 189 27.40 -10.65 -8.27
C THR A 189 27.79 -11.84 -9.13
N GLU A 190 28.36 -12.89 -8.51
CA GLU A 190 28.73 -14.08 -9.28
C GLU A 190 27.55 -14.70 -10.02
N ASP A 191 26.33 -14.64 -9.46
CA ASP A 191 25.21 -15.27 -10.17
C ASP A 191 24.71 -14.46 -11.36
N LEU A 192 25.12 -13.19 -11.48
CA LEU A 192 24.51 -12.27 -12.45
C LEU A 192 24.80 -12.70 -13.89
N ALA A 193 26.06 -13.05 -14.19
CA ALA A 193 26.41 -13.34 -15.58
C ALA A 193 25.64 -14.55 -16.13
N THR A 194 25.36 -15.54 -15.28
CA THR A 194 24.65 -16.73 -15.75
C THR A 194 23.34 -16.33 -16.43
N TYR A 195 22.64 -15.35 -15.88
CA TYR A 195 21.37 -14.92 -16.46
C TYR A 195 21.58 -14.20 -17.79
N HIS A 196 22.60 -13.33 -17.88
CA HIS A 196 22.93 -12.71 -19.16
C HIS A 196 23.28 -13.76 -20.19
N ALA A 197 24.13 -14.72 -19.82
CA ALA A 197 24.50 -15.79 -20.74
C ALA A 197 23.27 -16.55 -21.22
N ALA A 198 22.30 -16.75 -20.35
CA ALA A 198 21.10 -17.47 -20.76
C ALA A 198 20.26 -16.62 -21.71
N LEU A 199 20.22 -15.32 -21.46
CA LEU A 199 19.36 -14.44 -22.24
C LEU A 199 19.86 -14.26 -23.66
N HIS A 200 21.18 -14.12 -23.84
CA HIS A 200 21.69 -13.81 -25.16
C HIS A 200 22.40 -14.98 -25.82
N GLY A 201 22.93 -15.92 -25.04
CA GLY A 201 23.65 -17.05 -25.58
C GLY A 201 24.80 -16.61 -26.45
N ASP A 202 24.71 -16.89 -27.74
CA ASP A 202 25.72 -16.49 -28.71
C ASP A 202 25.39 -15.17 -29.40
N GLY A 203 24.17 -14.71 -29.22
CA GLY A 203 23.77 -13.55 -29.96
C GLY A 203 24.34 -12.19 -29.80
N PRO A 204 23.87 -11.27 -30.65
CA PRO A 204 24.32 -9.89 -30.59
C PRO A 204 23.85 -9.23 -29.33
N VAL A 205 24.61 -8.27 -28.82
CA VAL A 205 24.09 -7.59 -27.68
C VAL A 205 23.32 -6.39 -28.19
N ASP A 206 22.02 -6.52 -28.20
CA ASP A 206 21.15 -5.44 -28.60
C ASP A 206 21.14 -4.33 -27.51
N PRO A 207 21.35 -3.07 -27.92
CA PRO A 207 21.34 -1.97 -26.94
C PRO A 207 20.06 -1.92 -26.11
N LEU A 208 18.93 -2.32 -26.70
CA LEU A 208 17.68 -2.38 -25.98
C LEU A 208 17.80 -3.24 -24.73
N ALA A 209 18.62 -4.28 -24.78
CA ALA A 209 18.79 -5.24 -23.69
C ALA A 209 19.66 -4.71 -22.58
N LEU A 210 20.20 -3.50 -22.71
CA LEU A 210 20.99 -2.86 -21.67
C LEU A 210 20.47 -1.45 -21.52
N PRO A 211 19.30 -1.26 -20.90
CA PRO A 211 18.75 0.10 -20.79
C PRO A 211 19.77 1.11 -20.29
N LEU A 212 20.61 0.74 -19.33
CA LEU A 212 21.61 1.65 -18.80
C LEU A 212 22.67 2.06 -19.82
N GLN A 213 22.82 1.32 -20.91
CA GLN A 213 23.77 1.66 -21.95
C GLN A 213 23.13 2.37 -23.14
N VAL A 214 21.81 2.55 -23.14
CA VAL A 214 21.17 3.24 -24.24
C VAL A 214 21.55 4.71 -24.18
N GLU A 215 22.04 5.22 -25.31
CA GLU A 215 22.53 6.61 -25.37
C GLU A 215 21.43 7.62 -25.04
N ASP A 216 20.29 7.52 -25.73
CA ASP A 216 19.23 8.53 -25.66
C ASP A 216 18.03 7.94 -24.95
N LEU A 217 17.79 8.39 -23.72
CA LEU A 217 16.64 7.96 -22.94
C LEU A 217 15.50 8.97 -22.99
N ALA A 218 15.61 10.00 -23.83
CA ALA A 218 14.61 11.07 -23.80
C ALA A 218 13.24 10.55 -24.20
N GLY A 219 12.23 10.98 -23.47
CA GLY A 219 10.86 10.70 -23.84
C GLY A 219 10.27 9.41 -23.32
N VAL A 220 11.00 8.68 -22.46
CA VAL A 220 10.39 7.49 -21.89
C VAL A 220 9.51 7.87 -20.72
N ALA A 221 8.69 6.92 -20.31
CA ALA A 221 7.71 7.15 -19.26
C ALA A 221 8.41 7.54 -17.96
N PRO A 222 7.82 8.43 -17.16
CA PRO A 222 8.38 8.73 -15.84
C PRO A 222 8.47 7.47 -14.97
N ALA A 223 9.46 7.45 -14.08
CA ALA A 223 9.85 6.21 -13.45
C ALA A 223 9.82 6.30 -11.93
N PHE A 224 9.50 5.17 -11.32
CA PHE A 224 9.68 4.94 -9.89
C PHE A 224 10.53 3.68 -9.82
N VAL A 225 11.75 3.84 -9.33
CA VAL A 225 12.74 2.77 -9.31
C VAL A 225 13.12 2.53 -7.87
N VAL A 226 12.88 1.32 -7.38
CA VAL A 226 13.14 1.00 -5.98
C VAL A 226 14.18 -0.11 -5.95
N SER A 227 15.30 0.15 -5.26
CA SER A 227 16.37 -0.82 -5.14
C SER A 227 16.39 -1.39 -3.73
N ALA A 228 16.88 -2.63 -3.63
CA ALA A 228 17.25 -3.22 -2.37
C ALA A 228 18.67 -2.78 -2.08
N ASP A 229 18.92 -2.26 -0.87
CA ASP A 229 20.28 -1.78 -0.61
C ASP A 229 21.30 -2.91 -0.60
N VAL A 230 20.90 -4.10 -0.18
CA VAL A 230 21.83 -5.20 0.02
C VAL A 230 21.69 -6.15 -1.16
N ASP A 231 22.03 -5.65 -2.35
CA ASP A 231 21.76 -6.21 -3.67
C ASP A 231 22.86 -5.72 -4.60
N PRO A 232 23.61 -6.59 -5.27
CA PRO A 232 24.61 -6.10 -6.21
C PRO A 232 24.04 -5.21 -7.31
N LEU A 233 22.74 -5.37 -7.64
CA LEU A 233 22.12 -4.55 -8.67
C LEU A 233 21.67 -3.19 -8.17
N ARG A 234 21.82 -2.90 -6.88
CA ARG A 234 21.29 -1.67 -6.32
C ARG A 234 21.65 -0.46 -7.18
N ASP A 235 22.93 -0.33 -7.53
CA ASP A 235 23.35 0.91 -8.18
C ASP A 235 22.92 0.99 -9.63
N ASP A 236 22.45 -0.10 -10.24
CA ASP A 236 21.76 0.02 -11.53
C ASP A 236 20.55 0.93 -11.43
N ALA A 237 19.84 0.86 -10.31
CA ALA A 237 18.69 1.72 -10.10
C ALA A 237 19.12 3.17 -9.92
N ARG A 238 20.13 3.41 -9.08
CA ARG A 238 20.67 4.76 -8.94
C ARG A 238 21.13 5.31 -10.28
N ASP A 239 21.85 4.51 -11.05
CA ASP A 239 22.41 4.99 -12.30
C ASP A 239 21.32 5.26 -13.32
N TYR A 240 20.32 4.38 -13.42
CA TYR A 240 19.26 4.61 -14.40
C TYR A 240 18.46 5.86 -14.08
N VAL A 241 18.16 6.09 -12.81
CA VAL A 241 17.40 7.27 -12.42
C VAL A 241 18.20 8.54 -12.73
N GLN A 242 19.50 8.49 -12.49
CA GLN A 242 20.36 9.62 -12.82
C GLN A 242 20.32 9.93 -14.32
N ARG A 243 20.40 8.90 -15.15
CA ARG A 243 20.41 9.12 -16.59
C ARG A 243 19.02 9.53 -17.07
N LEU A 244 17.96 8.93 -16.51
CA LEU A 244 16.61 9.32 -16.88
C LEU A 244 16.38 10.80 -16.62
N ARG A 245 16.78 11.27 -15.44
CA ARG A 245 16.49 12.65 -15.08
C ARG A 245 17.31 13.61 -15.94
N ALA A 246 18.58 13.30 -16.14
CA ALA A 246 19.40 14.08 -17.04
C ALA A 246 18.80 14.13 -18.44
N ALA A 247 18.03 13.11 -18.82
CA ALA A 247 17.38 13.06 -20.13
C ALA A 247 16.01 13.73 -20.14
N GLY A 248 15.63 14.40 -19.07
CA GLY A 248 14.35 15.09 -19.02
C GLY A 248 13.16 14.24 -18.62
N VAL A 249 13.38 13.09 -18.01
CA VAL A 249 12.32 12.20 -17.59
C VAL A 249 12.20 12.28 -16.07
N ALA A 250 10.98 12.42 -15.56
CA ALA A 250 10.81 12.47 -14.12
C ALA A 250 11.04 11.08 -13.54
N ALA A 251 11.81 11.00 -12.47
CA ALA A 251 12.17 9.69 -11.97
C ALA A 251 12.44 9.80 -10.48
N GLU A 252 12.00 8.80 -9.74
CA GLU A 252 12.24 8.77 -8.31
C GLU A 252 13.01 7.50 -8.01
N TRP A 253 14.04 7.63 -7.17
CA TRP A 253 14.83 6.49 -6.73
C TRP A 253 14.57 6.30 -5.25
N ARG A 254 14.04 5.14 -4.89
CA ARG A 254 13.88 4.77 -3.49
C ARG A 254 14.82 3.59 -3.22
N ASN A 255 15.71 3.75 -2.26
CA ASN A 255 16.57 2.65 -1.83
C ASN A 255 16.08 2.10 -0.50
N GLU A 256 16.16 0.78 -0.35
CA GLU A 256 15.59 0.13 0.83
C GLU A 256 16.69 -0.37 1.76
N PRO A 257 16.95 0.33 2.87
CA PRO A 257 17.90 -0.19 3.86
C PRO A 257 17.51 -1.59 4.30
N GLU A 258 18.52 -2.42 4.50
CA GLU A 258 18.41 -3.71 5.18
C GLU A 258 17.64 -4.75 4.37
N LEU A 259 17.43 -4.52 3.08
CA LEU A 259 16.65 -5.48 2.31
C LEU A 259 17.51 -6.08 1.20
N PRO A 260 17.36 -7.38 0.96
CA PRO A 260 18.06 -8.04 -0.14
C PRO A 260 17.19 -8.07 -1.39
N HIS A 261 17.83 -8.41 -2.51
CA HIS A 261 17.10 -8.73 -3.73
C HIS A 261 15.98 -9.72 -3.44
N GLY A 262 14.86 -9.55 -4.15
CA GLY A 262 13.74 -10.45 -4.00
C GLY A 262 12.83 -10.18 -2.84
N TYR A 263 12.89 -9.01 -2.20
CA TYR A 263 12.16 -8.83 -0.95
C TYR A 263 10.66 -8.67 -1.14
N LEU A 264 10.14 -8.61 -2.37
CA LEU A 264 8.69 -8.60 -2.51
C LEU A 264 8.10 -9.77 -1.74
N ARG A 265 8.80 -10.90 -1.77
CA ARG A 265 8.34 -12.10 -1.11
C ARG A 265 8.41 -11.98 0.41
N ALA A 266 9.08 -10.96 0.94
CA ALA A 266 9.17 -10.76 2.39
C ALA A 266 8.09 -9.82 2.95
N ARG A 267 7.20 -9.29 2.14
CA ARG A 267 6.27 -8.27 2.62
C ARG A 267 5.26 -8.81 3.62
N ARG A 268 5.11 -10.11 3.72
CA ARG A 268 4.19 -10.67 4.69
C ARG A 268 4.85 -10.92 6.04
N GLU A 269 6.15 -10.76 6.12
CA GLU A 269 6.83 -11.02 7.37
C GLU A 269 7.85 -9.95 7.74
N SER A 270 8.04 -8.93 6.90
CA SER A 270 9.02 -7.87 7.18
C SER A 270 8.36 -6.52 7.05
N ASP A 271 8.44 -5.72 8.13
CA ASP A 271 7.90 -4.37 8.07
C ASP A 271 8.58 -3.56 6.98
N ARG A 272 9.91 -3.70 6.85
CA ARG A 272 10.61 -2.96 5.81
C ARG A 272 10.09 -3.32 4.43
N ALA A 273 9.96 -4.62 4.15
CA ALA A 273 9.44 -5.05 2.85
C ALA A 273 7.98 -4.69 2.70
N ARG A 274 7.19 -4.82 3.75
CA ARG A 274 5.79 -4.40 3.67
C ARG A 274 5.68 -2.91 3.32
N ARG A 275 6.46 -2.04 3.99
CA ARG A 275 6.43 -0.61 3.66
C ARG A 275 6.89 -0.36 2.23
N SER A 276 7.83 -1.16 1.74
CA SER A 276 8.31 -0.94 0.39
C SER A 276 7.22 -1.23 -0.62
N PHE A 277 6.51 -2.33 -0.44
CA PHE A 277 5.44 -2.63 -1.36
C PHE A 277 4.34 -1.57 -1.24
N GLN A 278 4.13 -1.04 -0.02
CA GLN A 278 3.18 0.03 0.15
C GLN A 278 3.58 1.25 -0.69
N ALA A 279 4.88 1.55 -0.75
CA ALA A 279 5.32 2.67 -1.57
C ALA A 279 5.20 2.34 -3.06
N ILE A 280 5.54 1.10 -3.44
CA ILE A 280 5.36 0.71 -4.83
C ILE A 280 3.91 0.89 -5.27
N LEU A 281 2.95 0.47 -4.43
CA LEU A 281 1.55 0.59 -4.83
C LEU A 281 1.13 2.04 -4.96
N SER A 282 1.66 2.91 -4.10
CA SER A 282 1.35 4.34 -4.24
C SER A 282 1.93 4.90 -5.52
N ALA A 283 3.15 4.49 -5.87
CA ALA A 283 3.77 5.01 -7.09
C ALA A 283 2.97 4.61 -8.31
N ILE A 284 2.46 3.37 -8.31
CA ILE A 284 1.61 2.91 -9.41
C ILE A 284 0.33 3.74 -9.49
N MET A 285 -0.34 3.89 -8.34
CA MET A 285 -1.52 4.75 -8.26
C MET A 285 -1.22 6.17 -8.75
N ARG A 286 -0.07 6.72 -8.34
CA ARG A 286 0.29 8.08 -8.70
C ARG A 286 0.43 8.22 -10.22
N PHE A 287 1.11 7.25 -10.86
CA PHE A 287 1.25 7.32 -12.32
C PHE A 287 -0.08 7.14 -13.02
N ALA A 288 -0.92 6.25 -12.51
CA ALA A 288 -2.21 6.01 -13.14
C ALA A 288 -3.08 7.25 -13.07
N VAL A 289 -3.04 7.97 -11.95
CA VAL A 289 -3.97 9.09 -11.81
C VAL A 289 -3.47 10.30 -12.58
N ARG A 290 -2.16 10.56 -12.55
CA ARG A 290 -1.60 11.60 -13.39
C ARG A 290 -2.00 11.40 -14.85
N GLY A 291 -1.73 10.20 -15.37
CA GLY A 291 -2.05 9.88 -16.75
C GLY A 291 -3.51 10.05 -17.17
N MET B 1 -19.77 -16.11 11.22
CA MET B 1 -18.57 -16.39 11.99
C MET B 1 -17.32 -16.09 11.18
N ILE B 2 -16.33 -15.45 11.82
CA ILE B 2 -15.02 -15.30 11.19
C ILE B 2 -14.33 -16.65 11.13
N SER B 3 -13.77 -16.97 9.96
CA SER B 3 -13.09 -18.24 9.75
C SER B 3 -11.64 -18.11 9.34
N ASP B 4 -11.16 -16.89 9.06
CA ASP B 4 -9.77 -16.70 8.67
C ASP B 4 -8.89 -16.88 9.90
N PRO B 5 -7.98 -17.87 9.94
CA PRO B 5 -7.21 -18.10 11.18
C PRO B 5 -6.29 -16.95 11.54
N GLN B 6 -5.77 -16.21 10.57
CA GLN B 6 -4.93 -15.07 10.92
C GLN B 6 -5.72 -14.03 11.68
N VAL B 7 -6.96 -13.78 11.25
CA VAL B 7 -7.81 -12.81 11.92
C VAL B 7 -8.23 -13.33 13.29
N LEU B 8 -8.57 -14.61 13.37
CA LEU B 8 -8.85 -15.21 14.68
C LEU B 8 -7.64 -15.06 15.61
N GLY B 9 -6.43 -15.22 15.08
CA GLY B 9 -5.25 -15.02 15.89
C GLY B 9 -5.11 -13.59 16.36
N PHE B 10 -5.38 -12.63 15.46
CA PHE B 10 -5.33 -11.22 15.82
C PHE B 10 -6.35 -10.92 16.89
N ILE B 11 -7.56 -11.45 16.75
CA ILE B 11 -8.61 -11.20 17.74
C ILE B 11 -8.16 -11.73 19.10
N ALA B 12 -7.62 -12.95 19.14
CA ALA B 12 -7.20 -13.51 20.41
C ALA B 12 -6.08 -12.68 21.03
N ARG B 13 -5.17 -12.18 20.20
CA ARG B 13 -4.07 -11.36 20.71
C ARG B 13 -4.57 -10.02 21.22
N THR B 14 -5.55 -9.41 20.53
CA THR B 14 -6.16 -8.18 21.03
C THR B 14 -6.83 -8.39 22.38
N GLU B 15 -7.59 -9.47 22.52
CA GLU B 15 -8.35 -9.67 23.76
C GLU B 15 -7.44 -9.95 24.91
N ALA B 16 -6.38 -10.65 24.66
CA ALA B 16 -5.40 -10.86 25.70
C ALA B 16 -4.71 -9.56 25.98
N ALA B 17 -4.54 -8.75 24.96
CA ALA B 17 -3.85 -7.47 25.08
C ALA B 17 -4.60 -6.41 25.85
N TYR B 18 -5.91 -6.63 26.05
CA TYR B 18 -6.75 -5.67 26.74
C TYR B 18 -7.53 -6.38 27.84
N PRO B 19 -7.12 -6.18 29.11
CA PRO B 19 -7.84 -6.79 30.22
C PRO B 19 -9.27 -6.26 30.33
N PRO B 20 -10.23 -7.14 30.66
CA PRO B 20 -11.62 -6.71 30.72
C PRO B 20 -11.83 -5.63 31.77
N GLU B 21 -11.21 -5.74 32.94
CA GLU B 21 -11.33 -4.75 34.01
C GLU B 21 -12.27 -3.59 33.74
N ALA B 22 -13.58 -3.83 33.86
CA ALA B 22 -14.57 -2.79 33.57
C ALA B 22 -15.19 -2.26 34.84
N ASN B 23 -14.41 -2.22 35.93
CA ASN B 23 -14.89 -1.73 37.23
C ASN B 23 -14.02 -0.62 37.86
N GLY B 24 -14.62 0.55 38.16
CA GLY B 24 -13.85 1.65 38.70
C GLY B 24 -12.73 1.92 37.73
N ALA B 25 -12.96 1.58 36.46
CA ALA B 25 -11.98 1.81 35.42
C ALA B 25 -12.36 3.11 34.73
N SER B 26 -11.79 4.21 35.24
CA SER B 26 -11.94 5.55 34.70
C SER B 26 -11.56 5.63 33.22
N ALA B 27 -11.96 6.73 32.57
CA ALA B 27 -11.43 7.02 31.24
C ALA B 27 -9.91 7.05 31.25
N ALA B 28 -9.30 7.45 32.37
CA ALA B 28 -7.85 7.48 32.45
C ALA B 28 -7.27 6.07 32.37
N ASP B 29 -7.90 5.10 33.02
CA ASP B 29 -7.44 3.73 32.93
C ASP B 29 -7.66 3.16 31.54
N ASN B 30 -8.79 3.49 30.94
CA ASN B 30 -9.07 2.99 29.60
C ASN B 30 -8.03 3.53 28.62
N ARG B 31 -7.59 4.77 28.85
CA ARG B 31 -6.52 5.35 28.05
C ARG B 31 -5.22 4.54 28.17
N ARG B 32 -4.89 4.10 29.38
CA ARG B 32 -3.67 3.30 29.55
C ARG B 32 -3.83 1.91 28.92
N PHE B 33 -5.03 1.31 29.02
CA PHE B 33 -5.25 -0.01 28.44
C PHE B 33 -5.21 0.04 26.92
N TYR B 34 -5.85 1.05 26.32
CA TYR B 34 -5.84 1.21 24.87
C TYR B 34 -4.43 1.40 24.35
N ASP B 35 -3.66 2.28 24.99
CA ASP B 35 -2.32 2.55 24.51
C ASP B 35 -1.46 1.29 24.62
N ALA B 36 -1.66 0.51 25.69
CA ALA B 36 -0.96 -0.75 25.86
C ALA B 36 -1.38 -1.77 24.81
N MET B 37 -2.68 -1.82 24.51
CA MET B 37 -3.17 -2.71 23.45
C MET B 37 -2.57 -2.33 22.11
N CYS B 38 -2.58 -1.03 21.79
CA CYS B 38 -2.02 -0.60 20.50
C CYS B 38 -0.55 -0.94 20.42
N ALA B 39 0.16 -0.79 21.54
CA ALA B 39 1.60 -1.01 21.51
C ALA B 39 1.94 -2.45 21.17
N VAL B 40 1.05 -3.39 21.50
CA VAL B 40 1.27 -4.79 21.13
C VAL B 40 1.45 -4.92 19.62
N PHE B 41 0.64 -4.20 18.86
CA PHE B 41 0.64 -4.35 17.41
C PHE B 41 1.44 -3.28 16.68
N ARG B 42 1.86 -2.24 17.40
CA ARG B 42 2.47 -1.08 16.75
C ARG B 42 3.77 -1.43 16.05
N GLY B 43 3.86 -1.02 14.79
CA GLY B 43 5.04 -1.24 14.00
C GLY B 43 6.04 -0.12 14.17
N PRO B 44 7.23 -0.33 13.63
CA PRO B 44 8.30 0.66 13.77
C PRO B 44 8.14 1.81 12.79
N ARG B 45 8.74 2.93 13.15
CA ARG B 45 8.89 4.03 12.22
C ARG B 45 9.92 3.71 11.14
N PRO B 46 9.69 4.15 9.90
CA PRO B 46 10.76 4.16 8.91
C PRO B 46 11.96 4.91 9.46
N PRO B 47 13.16 4.36 9.27
CA PRO B 47 14.35 4.96 9.90
C PRO B 47 14.64 6.40 9.46
N GLY B 48 14.49 6.70 8.17
CA GLY B 48 14.89 8.02 7.72
C GLY B 48 13.82 9.09 7.75
N LEU B 49 12.63 8.78 8.26
CA LEU B 49 11.50 9.69 8.16
C LEU B 49 11.59 10.75 9.25
N VAL B 50 11.57 12.02 8.87
CA VAL B 50 11.64 13.10 9.85
C VAL B 50 10.30 13.19 10.56
N VAL B 51 10.35 13.37 11.87
CA VAL B 51 9.13 13.42 12.67
C VAL B 51 9.27 14.57 13.65
N GLY B 52 8.27 15.43 13.69
CA GLY B 52 8.29 16.58 14.58
C GLY B 52 7.01 16.66 15.38
N ASP B 53 7.14 17.06 16.65
CA ASP B 53 6.01 17.26 17.53
C ASP B 53 5.89 18.75 17.78
N ARG B 54 4.73 19.32 17.48
CA ARG B 54 4.55 20.75 17.70
C ARG B 54 3.06 21.05 17.65
N ARG B 55 2.72 22.24 18.10
CA ARG B 55 1.34 22.70 18.09
C ARG B 55 1.03 23.35 16.75
N ILE B 56 -0.16 23.06 16.23
CA ILE B 56 -0.67 23.62 14.99
C ILE B 56 -2.07 24.11 15.28
N GLY B 57 -2.32 25.38 15.01
CA GLY B 57 -3.58 25.95 15.46
C GLY B 57 -3.82 25.76 16.94
N GLY B 58 -2.74 25.69 17.73
CA GLY B 58 -2.84 25.56 19.18
C GLY B 58 -3.09 24.16 19.69
N VAL B 59 -3.09 23.15 18.83
CA VAL B 59 -3.41 21.78 19.21
C VAL B 59 -2.13 20.95 19.06
N PRO B 60 -1.77 20.11 20.02
CA PRO B 60 -0.56 19.29 19.86
C PRO B 60 -0.72 18.35 18.67
N CYS B 61 0.25 18.36 17.77
CA CYS B 61 0.25 17.49 16.61
C CYS B 61 1.59 16.79 16.48
N ARG B 62 1.63 15.80 15.61
CA ARG B 62 2.87 15.20 15.15
C ARG B 62 2.92 15.30 13.64
N VAL B 63 4.05 15.75 13.10
CA VAL B 63 4.23 15.96 11.66
C VAL B 63 5.24 14.94 11.17
N TYR B 64 4.83 14.13 10.21
CA TYR B 64 5.67 13.09 9.62
C TYR B 64 6.07 13.48 8.21
N GLY B 65 7.36 13.47 7.94
CA GLY B 65 7.87 13.71 6.61
C GLY B 65 8.07 15.18 6.28
N ALA B 66 8.85 15.41 5.22
CA ALA B 66 9.16 16.74 4.71
C ALA B 66 7.91 17.41 4.15
N ASP B 67 7.96 18.74 4.10
CA ASP B 67 6.81 19.46 3.56
C ASP B 67 6.59 19.09 2.10
N SER B 68 5.33 18.98 1.73
CA SER B 68 4.97 18.52 0.40
C SER B 68 3.87 19.43 -0.11
N ALA B 69 3.63 19.37 -1.43
CA ALA B 69 2.61 20.22 -2.03
C ALA B 69 1.22 19.88 -1.50
N VAL B 70 0.97 18.59 -1.27
CA VAL B 70 -0.29 18.11 -0.69
C VAL B 70 0.04 17.42 0.62
N SER B 71 -0.81 17.61 1.62
CA SER B 71 -0.59 16.98 2.92
C SER B 71 -1.67 15.94 3.18
N VAL B 72 -1.49 15.18 4.26
CA VAL B 72 -2.54 14.28 4.75
C VAL B 72 -2.73 14.61 6.22
N VAL B 73 -3.97 14.89 6.61
CA VAL B 73 -4.32 15.04 8.01
C VAL B 73 -4.91 13.74 8.47
N TYR B 74 -4.34 13.17 9.54
CA TYR B 74 -4.82 11.90 10.07
C TYR B 74 -5.43 12.12 11.45
N VAL B 75 -6.67 11.66 11.62
CA VAL B 75 -7.40 11.80 12.87
C VAL B 75 -7.60 10.42 13.49
N HIS B 76 -6.93 10.20 14.61
CA HIS B 76 -6.90 8.89 15.23
C HIS B 76 -8.24 8.56 15.88
N GLY B 77 -8.50 7.25 16.00
CA GLY B 77 -9.71 6.76 16.63
C GLY B 77 -9.50 6.51 18.10
N GLY B 78 -10.51 5.89 18.70
CA GLY B 78 -10.53 5.64 20.13
C GLY B 78 -11.83 6.06 20.80
N GLY B 79 -12.92 6.07 20.04
CA GLY B 79 -14.22 6.34 20.63
C GLY B 79 -14.36 7.68 21.29
N PHE B 80 -13.53 8.66 20.89
CA PHE B 80 -13.43 10.02 21.43
C PHE B 80 -12.90 10.05 22.85
N VAL B 81 -12.60 8.89 23.46
CA VAL B 81 -12.14 8.84 24.84
C VAL B 81 -10.67 8.47 24.96
N VAL B 82 -10.15 7.64 24.04
CA VAL B 82 -8.79 7.13 24.13
C VAL B 82 -8.04 7.43 22.83
N GLY B 83 -6.78 6.99 22.79
CA GLY B 83 -5.96 7.25 21.64
C GLY B 83 -5.21 8.57 21.72
N GLY B 84 -4.31 8.75 20.76
CA GLY B 84 -3.48 9.94 20.72
C GLY B 84 -2.47 9.83 19.61
N LEU B 85 -1.37 10.55 19.79
CA LEU B 85 -0.34 10.53 18.76
C LEU B 85 0.47 9.24 18.82
N ASP B 86 0.75 8.74 20.03
CA ASP B 86 1.56 7.54 20.10
C ASP B 86 0.79 6.28 19.72
N SER B 87 -0.53 6.22 20.00
CA SER B 87 -1.27 4.98 19.74
C SER B 87 -1.35 4.66 18.25
N HIS B 88 -1.34 5.69 17.39
CA HIS B 88 -1.48 5.52 15.95
C HIS B 88 -0.20 5.92 15.21
N ASP B 89 0.93 5.94 15.90
CA ASP B 89 2.14 6.52 15.34
C ASP B 89 2.58 5.78 14.08
N ASP B 90 2.46 4.46 14.08
CA ASP B 90 2.97 3.68 12.97
C ASP B 90 2.08 3.84 11.74
N VAL B 91 0.76 3.90 11.95
CA VAL B 91 -0.15 4.15 10.83
C VAL B 91 0.22 5.44 10.12
N CYS B 92 0.42 6.54 10.88
CA CYS B 92 0.70 7.84 10.28
C CYS B 92 2.06 7.85 9.62
N ALA B 93 3.05 7.24 10.28
CA ALA B 93 4.39 7.19 9.70
C ALA B 93 4.39 6.37 8.40
N GLU B 94 3.60 5.30 8.33
CA GLU B 94 3.55 4.51 7.11
C GLU B 94 2.82 5.24 5.99
N ILE B 95 1.80 6.05 6.30
CA ILE B 95 1.21 6.85 5.23
C ILE B 95 2.25 7.79 4.64
N ALA B 96 3.00 8.46 5.50
CA ALA B 96 4.00 9.41 5.01
C ALA B 96 5.08 8.71 4.19
N ASP B 97 5.53 7.55 4.65
CA ASP B 97 6.59 6.84 3.95
C ASP B 97 6.13 6.32 2.61
N ALA B 98 4.90 5.84 2.53
CA ALA B 98 4.43 5.21 1.31
C ALA B 98 4.06 6.24 0.25
N THR B 99 3.51 7.38 0.65
CA THR B 99 3.01 8.35 -0.31
C THR B 99 3.96 9.51 -0.56
N GLY B 100 4.97 9.68 0.30
CA GLY B 100 5.75 10.89 0.21
C GLY B 100 5.03 12.14 0.61
N LEU B 101 3.83 12.04 1.18
CA LEU B 101 3.08 13.21 1.61
C LEU B 101 3.31 13.45 3.09
N GLN B 102 3.44 14.72 3.46
CA GLN B 102 3.55 15.05 4.87
C GLN B 102 2.27 14.69 5.61
N VAL B 103 2.38 14.01 6.75
CA VAL B 103 1.22 13.61 7.53
C VAL B 103 1.18 14.42 8.81
N ILE B 104 -0.01 14.94 9.14
CA ILE B 104 -0.25 15.67 10.37
C ILE B 104 -1.28 14.90 11.19
N ALA B 105 -0.84 14.33 12.30
CA ALA B 105 -1.72 13.69 13.26
C ALA B 105 -2.09 14.67 14.36
N ILE B 106 -3.32 14.58 14.86
CA ILE B 106 -3.91 15.59 15.75
C ILE B 106 -4.18 14.96 17.11
N ASP B 107 -3.64 15.56 18.17
CA ASP B 107 -3.97 15.14 19.53
C ASP B 107 -5.11 16.01 20.06
N TYR B 108 -6.33 15.70 19.62
CA TYR B 108 -7.50 16.47 20.04
C TYR B 108 -7.89 16.14 21.47
N ARG B 109 -8.60 17.07 22.10
CA ARG B 109 -9.08 16.89 23.46
C ARG B 109 -10.06 15.72 23.55
N LEU B 110 -9.98 14.97 24.63
CA LEU B 110 -10.70 13.71 24.74
C LEU B 110 -11.92 13.87 25.64
N ALA B 111 -12.96 13.11 25.34
CA ALA B 111 -14.08 12.97 26.23
C ALA B 111 -13.72 11.95 27.30
N PRO B 112 -14.43 11.95 28.45
CA PRO B 112 -15.58 12.77 28.83
C PRO B 112 -15.19 14.14 29.38
N GLU B 113 -13.90 14.37 29.66
CA GLU B 113 -13.54 15.65 30.29
C GLU B 113 -13.87 16.82 29.38
N HIS B 114 -13.79 16.62 28.07
CA HIS B 114 -14.13 17.64 27.09
C HIS B 114 -15.20 17.05 26.18
N ARG B 115 -16.42 17.58 26.28
CA ARG B 115 -17.51 17.05 25.50
C ARG B 115 -17.47 17.67 24.11
N TRP B 116 -18.19 17.03 23.18
CA TRP B 116 -18.46 17.65 21.90
C TRP B 116 -18.96 19.08 22.12
N PRO B 117 -18.51 20.06 21.32
CA PRO B 117 -17.73 19.94 20.08
C PRO B 117 -16.22 20.17 20.23
N ALA B 118 -15.65 19.88 21.40
CA ALA B 118 -14.23 20.16 21.59
C ALA B 118 -13.37 19.45 20.54
N GLN B 119 -13.75 18.21 20.22
CA GLN B 119 -12.94 17.39 19.32
C GLN B 119 -12.95 17.95 17.90
N ILE B 120 -14.12 18.31 17.39
CA ILE B 120 -14.18 18.85 16.03
C ILE B 120 -13.57 20.24 15.98
N GLN B 121 -13.69 21.00 17.06
CA GLN B 121 -13.04 22.31 17.10
C GLN B 121 -11.53 22.19 17.03
N ASP B 122 -10.94 21.17 17.66
CA ASP B 122 -9.50 20.97 17.56
C ASP B 122 -9.09 20.52 16.17
N VAL B 123 -9.87 19.64 15.54
CA VAL B 123 -9.53 19.26 14.18
C VAL B 123 -9.64 20.45 13.25
N GLN B 124 -10.68 21.26 13.44
CA GLN B 124 -10.86 22.47 12.65
C GLN B 124 -9.70 23.43 12.85
N ALA B 125 -9.28 23.61 14.11
CA ALA B 125 -8.17 24.49 14.42
C ALA B 125 -6.92 24.08 13.66
N VAL B 126 -6.61 22.79 13.66
CA VAL B 126 -5.47 22.29 12.89
C VAL B 126 -5.70 22.49 11.40
N TRP B 127 -6.89 22.10 10.93
CA TRP B 127 -7.20 22.21 9.50
C TRP B 127 -7.04 23.65 9.02
N ASP B 128 -7.57 24.60 9.79
CA ASP B 128 -7.58 25.99 9.36
C ASP B 128 -6.18 26.58 9.44
N ALA B 129 -5.33 26.04 10.31
CA ALA B 129 -3.96 26.55 10.39
C ALA B 129 -3.09 25.97 9.29
N LEU B 130 -3.51 24.88 8.68
CA LEU B 130 -2.74 24.27 7.61
C LEU B 130 -2.74 25.16 6.38
N ASP B 131 -3.92 25.62 5.98
CA ASP B 131 -4.09 26.50 4.83
C ASP B 131 -3.34 25.97 3.61
N ARG B 132 -3.55 24.69 3.33
CA ARG B 132 -2.80 23.98 2.29
C ARG B 132 -3.65 22.83 1.78
N PRO B 133 -3.39 22.35 0.57
CA PRO B 133 -4.18 21.24 0.05
C PRO B 133 -3.90 20.00 0.87
N ALA B 134 -4.96 19.28 1.24
CA ALA B 134 -4.73 18.09 2.05
C ALA B 134 -5.87 17.10 1.90
N VAL B 135 -5.53 15.83 1.95
CA VAL B 135 -6.50 14.77 2.17
C VAL B 135 -6.69 14.63 3.68
N ILE B 136 -7.91 14.29 4.11
CA ILE B 136 -8.15 13.98 5.51
C ILE B 136 -8.51 12.50 5.62
N ALA B 137 -8.04 11.88 6.70
CA ALA B 137 -8.20 10.44 6.89
C ALA B 137 -8.36 10.18 8.37
N GLY B 138 -9.12 9.15 8.70
CA GLY B 138 -9.24 8.77 10.09
C GLY B 138 -9.90 7.43 10.28
N ASP B 139 -9.60 6.76 11.38
CA ASP B 139 -10.22 5.48 11.74
C ASP B 139 -11.23 5.67 12.85
N SER B 140 -12.34 4.97 12.74
CA SER B 140 -13.36 4.90 13.80
C SER B 140 -13.84 6.30 14.16
N ALA B 141 -13.75 6.71 15.42
CA ALA B 141 -14.12 8.07 15.81
C ALA B 141 -13.41 9.12 14.98
N GLY B 142 -12.15 8.87 14.59
CA GLY B 142 -11.43 9.81 13.76
C GLY B 142 -11.99 9.90 12.36
N GLY B 143 -12.58 8.81 11.87
CA GLY B 143 -13.37 8.89 10.66
C GLY B 143 -14.60 9.77 10.82
N MET B 144 -15.28 9.67 11.95
CA MET B 144 -16.40 10.58 12.18
C MET B 144 -15.93 12.03 12.15
N LEU B 145 -14.84 12.29 12.87
CA LEU B 145 -14.31 13.64 12.95
C LEU B 145 -13.88 14.12 11.57
N SER B 146 -13.28 13.23 10.77
CA SER B 146 -12.89 13.59 9.42
C SER B 146 -14.12 13.93 8.58
N ALA B 147 -15.18 13.13 8.71
CA ALA B 147 -16.41 13.41 7.97
C ALA B 147 -17.05 14.71 8.44
N ALA B 148 -17.06 14.95 9.74
CA ALA B 148 -17.60 16.21 10.27
C ALA B 148 -16.75 17.41 9.86
N LEU B 149 -15.43 17.24 9.82
CA LEU B 149 -14.58 18.30 9.29
C LEU B 149 -14.98 18.62 7.85
N CYS B 150 -15.15 17.58 7.03
CA CYS B 150 -15.55 17.80 5.64
C CYS B 150 -16.90 18.50 5.55
N LEU B 151 -17.86 18.11 6.39
CA LEU B 151 -19.17 18.76 6.38
C LEU B 151 -19.06 20.24 6.72
N SER B 152 -18.11 20.60 7.59
CA SER B 152 -17.92 21.99 7.98
C SER B 152 -17.05 22.76 7.00
N ARG B 153 -16.35 22.08 6.10
CA ARG B 153 -15.33 22.73 5.29
C ARG B 153 -15.63 22.45 3.83
N ARG B 154 -16.75 22.99 3.35
CA ARG B 154 -17.15 22.76 1.97
C ARG B 154 -16.79 23.91 1.05
N GLY B 155 -16.13 24.94 1.58
CA GLY B 155 -15.81 26.10 0.75
C GLY B 155 -14.49 25.91 0.01
N GLN B 156 -13.66 26.96 0.00
CA GLN B 156 -12.41 26.92 -0.76
C GLN B 156 -11.33 26.07 -0.09
N ARG B 157 -11.42 25.85 1.22
CA ARG B 157 -10.45 25.00 1.92
C ARG B 157 -11.05 23.63 2.23
N GLN B 158 -11.67 23.10 1.18
CA GLN B 158 -12.19 21.74 1.15
C GLN B 158 -11.05 20.73 1.12
N PRO B 159 -11.11 19.68 1.94
CA PRO B 159 -10.17 18.56 1.78
C PRO B 159 -10.26 18.00 0.36
N LEU B 160 -9.10 17.58 -0.15
CA LEU B 160 -9.07 16.96 -1.46
C LEU B 160 -9.83 15.65 -1.49
N GLY B 161 -10.04 15.05 -0.34
CA GLY B 161 -10.73 13.78 -0.24
C GLY B 161 -10.81 13.40 1.22
N GLN B 162 -11.73 12.51 1.52
CA GLN B 162 -11.86 11.98 2.87
C GLN B 162 -11.74 10.47 2.78
N VAL B 163 -10.84 9.91 3.58
CA VAL B 163 -10.59 8.47 3.58
C VAL B 163 -10.97 8.00 4.97
N LEU B 164 -12.11 7.31 5.08
CA LEU B 164 -12.71 6.99 6.36
C LEU B 164 -12.60 5.49 6.58
N ILE B 165 -11.94 5.11 7.67
CA ILE B 165 -11.52 3.74 7.91
C ILE B 165 -12.38 3.19 9.05
N TYR B 166 -13.22 2.21 8.72
CA TYR B 166 -14.30 1.73 9.60
C TYR B 166 -14.85 2.83 10.50
N PRO B 167 -15.40 3.88 9.90
CA PRO B 167 -15.88 5.01 10.71
C PRO B 167 -17.19 4.69 11.41
N GLY B 168 -17.39 5.33 12.56
CA GLY B 168 -18.73 5.50 13.08
C GLY B 168 -19.21 6.86 12.58
N LEU B 169 -20.39 6.88 12.00
CA LEU B 169 -20.85 8.13 11.40
C LEU B 169 -22.20 8.55 11.94
N GLY B 170 -22.60 8.03 13.09
CA GLY B 170 -23.87 8.40 13.69
C GLY B 170 -25.08 7.87 12.95
N GLY B 171 -25.01 6.63 12.43
CA GLY B 171 -26.20 5.98 11.94
C GLY B 171 -27.21 5.78 13.05
N ASP B 172 -28.47 5.59 12.67
CA ASP B 172 -29.51 5.54 13.71
C ASP B 172 -29.61 4.17 14.39
N GLY B 173 -28.82 3.19 13.96
CA GLY B 173 -28.85 1.89 14.58
C GLY B 173 -29.81 0.92 13.96
N SER B 174 -30.59 1.34 12.97
CA SER B 174 -31.54 0.45 12.33
C SER B 174 -30.95 -0.35 11.18
N ALA B 175 -29.74 -0.02 10.75
CA ALA B 175 -29.12 -0.73 9.63
C ALA B 175 -28.75 -2.14 10.05
N PRO B 176 -28.71 -3.09 9.10
CA PRO B 176 -28.46 -4.50 9.46
C PRO B 176 -27.22 -4.75 10.29
N SER B 177 -26.12 -4.01 10.07
CA SER B 177 -24.88 -4.36 10.73
C SER B 177 -25.02 -4.26 12.25
N TYR B 178 -25.86 -3.36 12.76
CA TYR B 178 -25.95 -3.16 14.20
C TYR B 178 -26.49 -4.39 14.89
N ARG B 179 -27.39 -5.13 14.23
CA ARG B 179 -27.89 -6.37 14.80
C ARG B 179 -27.07 -7.57 14.32
N GLU B 180 -26.74 -7.60 13.01
CA GLU B 180 -25.93 -8.69 12.45
C GLU B 180 -24.62 -8.88 13.20
N ASN B 181 -23.97 -7.76 13.55
CA ASN B 181 -22.66 -7.78 14.19
C ASN B 181 -22.74 -7.25 15.62
N ALA B 182 -23.90 -7.38 16.25
CA ALA B 182 -24.06 -6.88 17.63
C ALA B 182 -23.09 -7.54 18.60
N GLY B 183 -22.74 -8.80 18.36
CA GLY B 183 -21.79 -9.49 19.21
C GLY B 183 -20.43 -9.69 18.56
N ALA B 184 -20.07 -8.80 17.64
CA ALA B 184 -18.81 -8.94 16.90
C ALA B 184 -17.61 -8.91 17.84
N PRO B 185 -16.56 -9.64 17.51
CA PRO B 185 -15.30 -9.51 18.25
C PRO B 185 -14.82 -8.07 18.22
N LEU B 186 -14.28 -7.62 19.35
CA LEU B 186 -13.57 -6.36 19.51
C LEU B 186 -14.49 -5.15 19.62
N LEU B 187 -15.67 -5.18 19.00
CA LEU B 187 -16.61 -4.07 19.11
C LEU B 187 -18.03 -4.60 19.04
N ARG B 188 -18.75 -4.49 20.16
CA ARG B 188 -20.16 -4.83 20.22
C ARG B 188 -20.96 -3.55 20.08
N THR B 189 -22.17 -3.67 19.49
CA THR B 189 -23.01 -2.49 19.37
C THR B 189 -23.19 -1.82 20.72
N GLU B 190 -23.26 -2.61 21.78
CA GLU B 190 -23.49 -2.12 23.13
C GLU B 190 -22.33 -1.28 23.65
N ASP B 191 -21.10 -1.53 23.17
CA ASP B 191 -19.96 -0.69 23.51
C ASP B 191 -20.07 0.71 22.94
N LEU B 192 -20.82 0.90 21.85
CA LEU B 192 -20.90 2.22 21.22
C LEU B 192 -21.53 3.24 22.17
N ALA B 193 -22.40 2.78 23.07
CA ALA B 193 -23.15 3.69 23.93
C ALA B 193 -22.25 4.40 24.92
N THR B 194 -21.32 3.64 25.53
CA THR B 194 -20.38 4.21 26.49
C THR B 194 -19.63 5.40 25.90
N TYR B 195 -19.24 5.30 24.62
CA TYR B 195 -18.53 6.40 23.98
C TYR B 195 -19.47 7.53 23.56
N HIS B 196 -20.70 7.20 23.17
CA HIS B 196 -21.72 8.22 22.97
C HIS B 196 -21.93 9.05 24.24
N ALA B 197 -22.10 8.36 25.38
CA ALA B 197 -22.40 9.05 26.62
C ALA B 197 -21.25 9.93 27.07
N ALA B 198 -20.01 9.47 26.87
CA ALA B 198 -18.86 10.31 27.21
C ALA B 198 -18.73 11.50 26.28
N LEU B 199 -19.16 11.36 25.02
CA LEU B 199 -18.96 12.41 24.05
C LEU B 199 -19.92 13.58 24.27
N HIS B 200 -21.21 13.29 24.48
CA HIS B 200 -22.21 14.33 24.55
C HIS B 200 -22.84 14.52 25.93
N GLY B 201 -22.65 13.57 26.84
CA GLY B 201 -23.41 13.64 28.08
C GLY B 201 -24.86 13.28 27.82
N ASP B 202 -25.79 14.16 28.22
CA ASP B 202 -27.21 13.89 28.01
C ASP B 202 -27.99 15.13 27.60
N GLY B 203 -27.31 16.14 27.07
CA GLY B 203 -28.00 17.34 26.68
C GLY B 203 -28.55 17.20 25.28
N PRO B 204 -28.15 18.14 24.44
CA PRO B 204 -28.65 17.93 23.10
C PRO B 204 -27.56 17.33 22.25
N VAL B 205 -27.93 16.58 21.22
CA VAL B 205 -26.86 16.14 20.34
C VAL B 205 -26.75 17.14 19.20
N ASP B 206 -25.63 17.85 19.17
CA ASP B 206 -25.26 18.63 17.99
C ASP B 206 -25.47 17.77 16.73
N PRO B 207 -26.35 18.16 15.79
CA PRO B 207 -26.53 17.35 14.59
C PRO B 207 -25.24 17.10 13.83
N LEU B 208 -24.26 18.02 13.87
CA LEU B 208 -22.98 17.80 13.20
C LEU B 208 -22.22 16.62 13.79
N ALA B 209 -22.57 16.20 15.00
CA ALA B 209 -21.98 15.00 15.57
C ALA B 209 -22.58 13.73 15.01
N LEU B 210 -23.50 13.84 14.05
CA LEU B 210 -24.11 12.69 13.39
C LEU B 210 -24.09 12.94 11.89
N PRO B 211 -22.93 12.75 11.23
CA PRO B 211 -22.86 12.99 9.79
C PRO B 211 -23.93 12.27 8.97
N LEU B 212 -24.29 11.04 9.36
CA LEU B 212 -25.28 10.30 8.57
C LEU B 212 -26.68 10.85 8.73
N GLN B 213 -26.94 11.64 9.78
CA GLN B 213 -28.25 12.25 9.95
C GLN B 213 -28.31 13.67 9.45
N VAL B 214 -27.19 14.20 8.93
CA VAL B 214 -27.21 15.52 8.31
C VAL B 214 -28.07 15.45 7.06
N GLU B 215 -28.98 16.42 6.92
CA GLU B 215 -29.98 16.35 5.85
C GLU B 215 -29.34 16.52 4.47
N ASP B 216 -28.36 17.42 4.34
CA ASP B 216 -27.80 17.74 3.03
C ASP B 216 -26.30 17.54 3.07
N LEU B 217 -25.80 16.54 2.35
CA LEU B 217 -24.36 16.27 2.32
C LEU B 217 -23.67 16.85 1.08
N ALA B 218 -24.37 17.60 0.25
CA ALA B 218 -23.78 18.02 -1.01
C ALA B 218 -22.54 18.89 -0.81
N GLY B 219 -21.59 18.73 -1.72
CA GLY B 219 -20.43 19.58 -1.77
C GLY B 219 -19.26 19.16 -0.91
N VAL B 220 -19.37 18.07 -0.16
CA VAL B 220 -18.23 17.64 0.67
C VAL B 220 -17.23 16.92 -0.22
N ALA B 221 -16.04 16.67 0.33
CA ALA B 221 -14.95 16.09 -0.44
C ALA B 221 -15.30 14.68 -0.89
N PRO B 222 -14.76 14.25 -2.03
CA PRO B 222 -14.97 12.86 -2.46
C PRO B 222 -14.43 11.91 -1.41
N ALA B 223 -14.99 10.72 -1.35
CA ALA B 223 -14.81 9.86 -0.19
C ALA B 223 -14.45 8.45 -0.61
N PHE B 224 -13.51 7.88 0.13
CA PHE B 224 -13.22 6.46 0.08
C PHE B 224 -13.50 5.93 1.47
N VAL B 225 -14.50 5.06 1.60
CA VAL B 225 -14.97 4.62 2.90
C VAL B 225 -14.84 3.11 2.99
N VAL B 226 -14.04 2.65 3.93
CA VAL B 226 -13.77 1.22 4.05
C VAL B 226 -14.36 0.70 5.36
N SER B 227 -15.09 -0.40 5.29
CA SER B 227 -15.70 -0.97 6.48
C SER B 227 -15.13 -2.34 6.76
N ALA B 228 -15.03 -2.64 8.06
CA ALA B 228 -14.86 -4.03 8.50
C ALA B 228 -16.20 -4.72 8.39
N ASP B 229 -16.24 -5.92 7.78
CA ASP B 229 -17.57 -6.51 7.59
C ASP B 229 -18.15 -6.99 8.90
N VAL B 230 -17.31 -7.43 9.82
CA VAL B 230 -17.76 -8.03 11.08
C VAL B 230 -17.66 -6.97 12.16
N ASP B 231 -18.49 -5.94 12.06
CA ASP B 231 -18.34 -4.73 12.85
C ASP B 231 -19.74 -4.10 12.89
N PRO B 232 -20.28 -3.78 14.06
CA PRO B 232 -21.62 -3.18 14.09
C PRO B 232 -21.71 -1.89 13.27
N LEU B 233 -20.59 -1.20 13.07
CA LEU B 233 -20.59 0.05 12.32
C LEU B 233 -20.52 -0.12 10.82
N ARG B 234 -20.40 -1.35 10.32
CA ARG B 234 -20.20 -1.57 8.89
C ARG B 234 -21.16 -0.74 8.03
N ASP B 235 -22.45 -0.80 8.34
CA ASP B 235 -23.39 -0.16 7.41
C ASP B 235 -23.47 1.36 7.57
N ASP B 236 -22.77 1.95 8.54
CA ASP B 236 -22.56 3.39 8.49
C ASP B 236 -21.75 3.76 7.26
N ALA B 237 -20.78 2.91 6.90
CA ALA B 237 -19.97 3.16 5.72
C ALA B 237 -20.82 2.99 4.47
N ARG B 238 -21.56 1.89 4.39
CA ARG B 238 -22.46 1.67 3.27
C ARG B 238 -23.45 2.82 3.12
N ASP B 239 -24.13 3.16 4.22
CA ASP B 239 -25.13 4.22 4.18
C ASP B 239 -24.52 5.56 3.82
N TYR B 240 -23.37 5.90 4.40
CA TYR B 240 -22.77 7.20 4.08
C TYR B 240 -22.39 7.29 2.62
N VAL B 241 -21.84 6.21 2.06
CA VAL B 241 -21.48 6.23 0.64
C VAL B 241 -22.74 6.40 -0.20
N GLN B 242 -23.81 5.69 0.16
CA GLN B 242 -25.08 5.83 -0.56
C GLN B 242 -25.59 7.27 -0.54
N ARG B 243 -25.57 7.90 0.65
CA ARG B 243 -26.03 9.28 0.77
C ARG B 243 -25.12 10.24 0.03
N LEU B 244 -23.81 10.05 0.13
CA LEU B 244 -22.88 10.93 -0.58
C LEU B 244 -23.13 10.87 -2.08
N ARG B 245 -23.24 9.67 -2.64
CA ARG B 245 -23.52 9.53 -4.07
C ARG B 245 -24.85 10.19 -4.43
N ALA B 246 -25.84 10.07 -3.55
CA ALA B 246 -27.14 10.70 -3.80
C ALA B 246 -27.01 12.21 -3.81
N ALA B 247 -26.04 12.75 -3.08
CA ALA B 247 -25.81 14.18 -3.00
C ALA B 247 -24.81 14.67 -4.04
N GLY B 248 -24.50 13.84 -5.04
CA GLY B 248 -23.58 14.20 -6.10
C GLY B 248 -22.11 14.02 -5.79
N VAL B 249 -21.78 13.45 -4.64
CA VAL B 249 -20.39 13.29 -4.22
C VAL B 249 -19.87 11.94 -4.69
N ALA B 250 -18.68 11.96 -5.32
CA ALA B 250 -17.99 10.74 -5.69
C ALA B 250 -17.56 10.01 -4.44
N ALA B 251 -18.02 8.76 -4.30
CA ALA B 251 -17.73 8.02 -3.10
C ALA B 251 -17.70 6.54 -3.43
N GLU B 252 -16.76 5.85 -2.81
CA GLU B 252 -16.61 4.42 -2.99
C GLU B 252 -16.71 3.73 -1.62
N TRP B 253 -17.47 2.64 -1.57
CA TRP B 253 -17.51 1.81 -0.38
C TRP B 253 -16.69 0.56 -0.65
N ARG B 254 -15.73 0.30 0.22
CA ARG B 254 -15.01 -0.96 0.23
C ARG B 254 -15.34 -1.66 1.53
N ASN B 255 -15.88 -2.88 1.44
CA ASN B 255 -16.16 -3.68 2.61
C ASN B 255 -15.16 -4.81 2.72
N GLU B 256 -14.75 -5.12 3.96
CA GLU B 256 -13.67 -6.08 4.19
C GLU B 256 -14.21 -7.36 4.79
N PRO B 257 -14.46 -8.39 4.01
CA PRO B 257 -14.94 -9.65 4.59
C PRO B 257 -13.96 -10.17 5.63
N GLU B 258 -14.52 -10.75 6.69
CA GLU B 258 -13.79 -11.48 7.72
C GLU B 258 -13.00 -10.56 8.64
N LEU B 259 -13.16 -9.27 8.55
CA LEU B 259 -12.34 -8.45 9.41
C LEU B 259 -13.22 -7.78 10.46
N PRO B 260 -12.70 -7.62 11.68
CA PRO B 260 -13.43 -6.86 12.72
C PRO B 260 -13.02 -5.40 12.77
N HIS B 261 -13.77 -4.62 13.55
CA HIS B 261 -13.39 -3.26 13.85
C HIS B 261 -11.97 -3.22 14.37
N GLY B 262 -11.24 -2.16 14.04
CA GLY B 262 -9.90 -1.99 14.57
C GLY B 262 -8.82 -2.75 13.82
N TYR B 263 -9.12 -3.30 12.65
CA TYR B 263 -8.16 -4.18 11.99
C TYR B 263 -6.91 -3.47 11.47
N LEU B 264 -6.83 -2.12 11.49
CA LEU B 264 -5.55 -1.51 11.09
C LEU B 264 -4.40 -2.14 11.87
N ARG B 265 -4.65 -2.51 13.12
CA ARG B 265 -3.60 -3.11 13.95
C ARG B 265 -3.24 -4.52 13.52
N ALA B 266 -4.06 -5.17 12.68
CA ALA B 266 -3.77 -6.52 12.22
C ALA B 266 -2.96 -6.56 10.93
N ARG B 267 -2.58 -5.41 10.36
CA ARG B 267 -1.96 -5.40 9.04
C ARG B 267 -0.57 -6.04 9.04
N ARG B 268 0.05 -6.18 10.20
CA ARG B 268 1.33 -6.86 10.24
C ARG B 268 1.19 -8.37 10.38
N GLU B 269 -0.01 -8.89 10.54
CA GLU B 269 -0.17 -10.32 10.72
C GLU B 269 -1.34 -10.91 9.94
N SER B 270 -2.09 -10.12 9.18
CA SER B 270 -3.26 -10.61 8.45
C SER B 270 -3.16 -10.15 7.01
N ASP B 271 -3.27 -11.08 6.05
CA ASP B 271 -3.23 -10.68 4.65
C ASP B 271 -4.39 -9.78 4.29
N ARG B 272 -5.59 -10.10 4.80
CA ARG B 272 -6.77 -9.29 4.52
C ARG B 272 -6.58 -7.88 5.04
N ALA B 273 -6.11 -7.75 6.27
CA ALA B 273 -5.89 -6.43 6.85
C ALA B 273 -4.77 -5.69 6.14
N ARG B 274 -3.68 -6.40 5.81
CA ARG B 274 -2.59 -5.80 5.05
C ARG B 274 -3.09 -5.30 3.70
N ARG B 275 -3.89 -6.10 3.00
CA ARG B 275 -4.40 -5.65 1.71
C ARG B 275 -5.33 -4.46 1.88
N SER B 276 -6.09 -4.43 2.99
CA SER B 276 -6.97 -3.31 3.20
C SER B 276 -6.18 -2.02 3.35
N PHE B 277 -5.11 -2.06 4.17
CA PHE B 277 -4.31 -0.85 4.36
C PHE B 277 -3.64 -0.44 3.05
N GLN B 278 -3.25 -1.43 2.24
CA GLN B 278 -2.71 -1.13 0.92
C GLN B 278 -3.72 -0.38 0.05
N ALA B 279 -5.00 -0.76 0.13
CA ALA B 279 -6.02 -0.05 -0.63
C ALA B 279 -6.28 1.33 -0.05
N ILE B 280 -6.21 1.45 1.28
CA ILE B 280 -6.38 2.75 1.92
C ILE B 280 -5.29 3.71 1.46
N LEU B 281 -4.05 3.24 1.40
CA LEU B 281 -2.95 4.09 0.95
C LEU B 281 -3.13 4.52 -0.50
N SER B 282 -3.54 3.59 -1.37
CA SER B 282 -3.83 3.95 -2.76
C SER B 282 -4.91 5.01 -2.84
N ALA B 283 -5.92 4.91 -1.97
CA ALA B 283 -7.00 5.89 -2.03
C ALA B 283 -6.51 7.25 -1.59
N ILE B 284 -5.64 7.27 -0.57
CA ILE B 284 -5.07 8.54 -0.14
C ILE B 284 -4.24 9.13 -1.26
N MET B 285 -3.43 8.29 -1.91
CA MET B 285 -2.57 8.77 -2.98
C MET B 285 -3.43 9.32 -4.11
N ARG B 286 -4.49 8.57 -4.49
CA ARG B 286 -5.43 8.96 -5.53
C ARG B 286 -5.99 10.35 -5.28
N PHE B 287 -6.55 10.57 -4.09
CA PHE B 287 -7.12 11.87 -3.77
C PHE B 287 -6.05 12.96 -3.78
N ALA B 288 -4.84 12.62 -3.34
CA ALA B 288 -3.78 13.62 -3.27
C ALA B 288 -3.36 14.07 -4.66
N VAL B 289 -3.23 13.11 -5.59
CA VAL B 289 -2.82 13.45 -6.95
C VAL B 289 -3.90 14.23 -7.67
N ARG B 290 -5.17 13.82 -7.53
CA ARG B 290 -6.27 14.47 -8.22
C ARG B 290 -6.45 15.93 -7.75
N GLY B 291 -5.50 16.45 -7.01
CA GLY B 291 -5.56 17.83 -6.54
C GLY B 291 -4.34 18.62 -6.94
#